data_7KSK
#
_entry.id   7KSK
#
_cell.length_a   52.137
_cell.length_b   71.224
_cell.length_c   107.599
_cell.angle_alpha   90.00
_cell.angle_beta   90.00
_cell.angle_gamma   90.00
#
_symmetry.space_group_name_H-M   'P 21 21 21'
#
loop_
_entity.id
_entity.type
_entity.pdbx_description
1 polymer 'Mitogen-activated protein kinase 10'
2 non-polymer 4-(4-{[(2-chlorophenyl)carbamoyl]amino}-1H-pyrazol-1-yl)-N-(oxetan-3-yl)thiophene-2-carboxamide
3 water water
#
_entity_poly.entity_id   1
_entity_poly.type   'polypeptide(L)'
_entity_poly.pdbx_seq_one_letter_code
;MSLHFLYYCSEPTLDVKIAFCQGFDKQVDVSYIAKHYNMSKSKVDNQFYSVEVGDSTFTVLKRYQNLKPIGSGAQGIVCA
AYDAVLDRNVAIKKLSRPFQNQTHAKRAYRELVLMKCVNHKNIISLLNVFTPQKTLEEFQDVYLVMELMDANLCQVIQME
LDHERMSYLLYQMLCGIKHLHSAGIIHRDLKPSNIVVKSDCTLKILDFGLARTAGTSFMMTPYVVTRYYRAPEVILGMGY
KENVDIWSVGCIMGEMVRHKILFPGRDYIDQWNKVIEQLGTPCPEFMKKLQPTVRNYVENRPKYAGLTFPKLFPDSLFPA
DSEHNKLKASQARDLLSKMLVIDPAKRISVDDALQHPYINVWYDPAEVEAPPPQIYDKQLDEREHTIEEWKELIYKEVMN
SEEKTKNGVVKGQPSPSGAAVNSSESLPPSSSVNDISSMSTDQTLASDTDSSLEASAGPLGCCR
;
_entity_poly.pdbx_strand_id   A
#
# COMPACT_ATOMS: atom_id res chain seq x y z
N ASP A 45 -19.13 -4.54 -35.13
CA ASP A 45 -18.08 -3.87 -35.91
C ASP A 45 -17.07 -3.27 -34.93
N ASN A 46 -17.50 -2.26 -34.17
CA ASN A 46 -16.62 -1.65 -33.18
C ASN A 46 -16.16 -2.71 -32.16
N GLN A 47 -14.91 -2.55 -31.71
CA GLN A 47 -14.21 -3.47 -30.77
C GLN A 47 -14.65 -3.24 -29.31
N PHE A 48 -15.32 -2.11 -29.01
CA PHE A 48 -15.63 -1.66 -27.66
C PHE A 48 -17.14 -1.54 -27.52
N TYR A 49 -17.63 -1.55 -26.28
CA TYR A 49 -19.01 -1.24 -25.97
C TYR A 49 -19.02 -0.50 -24.65
N SER A 50 -20.11 0.20 -24.38
CA SER A 50 -20.20 1.07 -23.22
C SER A 50 -21.38 0.72 -22.33
N VAL A 51 -21.14 0.72 -21.03
CA VAL A 51 -22.16 0.39 -20.03
C VAL A 51 -22.04 1.35 -18.86
N GLU A 52 -23.19 1.75 -18.34
CA GLU A 52 -23.29 2.69 -17.22
C GLU A 52 -23.31 1.86 -15.95
N VAL A 53 -22.25 2.00 -15.15
CA VAL A 53 -22.13 1.27 -13.87
C VAL A 53 -22.10 2.29 -12.74
N ASP A 55 -22.28 5.28 -11.29
CA ASP A 55 -22.33 6.67 -11.75
C ASP A 55 -21.36 6.93 -12.90
N SER A 56 -20.50 5.99 -13.26
CA SER A 56 -19.48 6.16 -14.29
C SER A 56 -19.82 5.35 -15.54
N THR A 57 -19.16 5.70 -16.65
CA THR A 57 -19.32 4.98 -17.91
C THR A 57 -18.04 4.21 -18.23
N PHE A 58 -18.17 2.90 -18.37
CA PHE A 58 -17.08 1.98 -18.70
C PHE A 58 -17.19 1.65 -20.18
N THR A 59 -16.22 2.06 -20.98
CA THR A 59 -16.15 1.68 -22.40
C THR A 59 -15.01 0.69 -22.56
N VAL A 60 -15.36 -0.59 -22.74
CA VAL A 60 -14.37 -1.66 -22.64
C VAL A 60 -14.46 -2.58 -23.83
N LEU A 61 -13.39 -3.36 -24.04
CA LEU A 61 -13.42 -4.35 -25.08
C LEU A 61 -14.53 -5.37 -24.83
N LYS A 62 -15.09 -5.90 -25.94
CA LYS A 62 -16.21 -6.84 -25.82
C LYS A 62 -15.87 -8.17 -25.18
N ARG A 63 -14.59 -8.56 -25.11
CA ARG A 63 -14.21 -9.75 -24.36
C ARG A 63 -14.65 -9.66 -22.90
N TYR A 64 -14.77 -8.44 -22.33
CA TYR A 64 -15.08 -8.27 -20.89
C TYR A 64 -16.58 -8.04 -20.71
N GLN A 65 -17.25 -8.95 -19.95
CA GLN A 65 -18.71 -8.98 -19.87
C GLN A 65 -19.21 -9.06 -18.43
N ASN A 66 -20.48 -8.68 -18.25
CA ASN A 66 -21.10 -8.74 -16.94
C ASN A 66 -20.37 -7.83 -15.97
N LEU A 67 -20.13 -6.59 -16.38
CA LEU A 67 -19.48 -5.63 -15.47
C LEU A 67 -20.35 -5.31 -14.26
N LYS A 68 -19.71 -5.24 -13.08
CA LYS A 68 -20.38 -4.77 -11.87
C LYS A 68 -19.44 -4.11 -10.87
N PRO A 69 -19.83 -3.03 -10.10
CA PRO A 69 -18.92 -2.12 -9.29
C PRO A 69 -18.43 -3.07 -8.18
N ILE A 70 -17.20 -2.87 -7.70
CA ILE A 70 -16.76 -3.51 -6.46
C ILE A 70 -16.20 -2.48 -5.51
N GLY A 71 -15.49 -1.50 -6.04
CA GLY A 71 -14.86 -0.49 -5.19
C GLY A 71 -14.54 0.79 -5.93
N SER A 72 -14.39 1.86 -5.16
CA SER A 72 -13.99 3.16 -5.69
C SER A 72 -12.74 3.61 -4.95
N GLY A 76 -9.75 6.59 -9.86
CA GLY A 76 -10.21 5.56 -10.78
C GLY A 76 -11.14 4.56 -10.10
N ILE A 77 -12.20 4.18 -10.79
CA ILE A 77 -13.13 3.21 -10.22
C ILE A 77 -12.86 1.84 -10.85
N VAL A 78 -13.29 0.80 -10.17
CA VAL A 78 -12.88 -0.56 -10.48
C VAL A 78 -14.13 -1.39 -10.59
N CYS A 79 -14.24 -2.20 -11.66
CA CYS A 79 -15.33 -3.14 -11.84
C CYS A 79 -14.83 -4.58 -11.82
N ALA A 80 -15.70 -5.52 -11.46
CA ALA A 80 -15.42 -6.92 -11.74
C ALA A 80 -16.05 -7.24 -13.11
N ALA A 81 -15.47 -8.21 -13.80
CA ALA A 81 -16.04 -8.69 -15.06
C ALA A 81 -15.55 -10.10 -15.34
N TYR A 82 -16.23 -10.72 -16.31
CA TYR A 82 -15.78 -11.99 -16.87
C TYR A 82 -15.04 -11.71 -18.17
N ASP A 83 -13.82 -12.24 -18.30
CA ASP A 83 -13.07 -12.14 -19.55
C ASP A 83 -13.34 -13.38 -20.39
N ALA A 84 -14.06 -13.22 -21.49
CA ALA A 84 -14.40 -14.39 -22.28
C ALA A 84 -13.20 -14.94 -23.03
N VAL A 85 -12.15 -14.16 -23.26
CA VAL A 85 -11.03 -14.73 -23.99
C VAL A 85 -10.18 -15.62 -23.08
N LEU A 86 -9.96 -15.18 -21.85
CA LEU A 86 -9.18 -15.94 -20.89
C LEU A 86 -10.04 -16.88 -20.06
N ASP A 87 -11.36 -16.77 -20.18
CA ASP A 87 -12.29 -17.61 -19.43
C ASP A 87 -12.04 -17.52 -17.93
N ARG A 88 -11.97 -16.28 -17.44
CA ARG A 88 -11.76 -16.05 -16.02
C ARG A 88 -12.22 -14.63 -15.67
N ASN A 89 -12.37 -14.39 -14.37
CA ASN A 89 -12.87 -13.14 -13.82
C ASN A 89 -11.73 -12.18 -13.63
N VAL A 90 -11.94 -10.93 -14.02
CA VAL A 90 -10.91 -9.90 -13.95
C VAL A 90 -11.47 -8.70 -13.20
N ALA A 91 -10.58 -7.81 -12.76
CA ALA A 91 -10.95 -6.48 -12.30
C ALA A 91 -10.51 -5.46 -13.35
N ILE A 92 -11.33 -4.42 -13.56
CA ILE A 92 -11.01 -3.37 -14.51
C ILE A 92 -11.03 -2.04 -13.81
N LYS A 93 -9.94 -1.31 -13.92
CA LYS A 93 -9.85 0.03 -13.33
C LYS A 93 -9.81 1.09 -14.43
N LYS A 94 -10.65 2.11 -14.28
CA LYS A 94 -10.75 3.22 -15.23
C LYS A 94 -10.03 4.41 -14.64
N LEU A 95 -9.02 4.90 -15.35
CA LEU A 95 -8.40 6.19 -15.09
C LEU A 95 -9.00 7.22 -16.04
N SER A 96 -9.71 8.20 -15.48
CA SER A 96 -10.36 9.21 -16.31
C SER A 96 -9.44 10.40 -16.47
N ARG A 97 -9.02 10.69 -17.71
CA ARG A 97 -8.20 11.80 -18.02
C ARG A 97 -7.03 11.93 -17.00
N PRO A 98 -6.22 10.87 -16.89
CA PRO A 98 -5.15 10.89 -15.86
C PRO A 98 -4.14 12.01 -16.07
N PHE A 99 -4.11 12.63 -17.26
CA PHE A 99 -3.26 13.76 -17.56
C PHE A 99 -3.86 15.07 -17.08
N GLN A 100 -5.04 15.06 -16.44
CA GLN A 100 -5.72 16.31 -16.12
C GLN A 100 -4.92 17.19 -15.16
N ASN A 101 -4.07 16.60 -14.32
CA ASN A 101 -3.18 17.41 -13.49
C ASN A 101 -1.93 16.62 -13.13
N GLN A 102 -0.96 17.32 -12.54
CA GLN A 102 0.36 16.73 -12.27
C GLN A 102 0.27 15.58 -11.29
N THR A 103 -0.60 15.69 -10.29
CA THR A 103 -0.72 14.58 -9.35
C THR A 103 -1.22 13.31 -10.06
N HIS A 104 -2.41 13.38 -10.68
CA HIS A 104 -2.90 12.19 -11.36
C HIS A 104 -1.91 11.72 -12.41
N ALA A 105 -1.33 12.66 -13.18
CA ALA A 105 -0.50 12.32 -14.31
C ALA A 105 0.75 11.58 -13.86
N LYS A 106 1.42 12.12 -12.83
CA LYS A 106 2.68 11.54 -12.39
C LYS A 106 2.44 10.13 -11.89
N ARG A 107 1.36 9.93 -11.13
CA ARG A 107 1.09 8.59 -10.58
C ARG A 107 0.66 7.60 -11.66
N ALA A 108 -0.23 8.02 -12.56
CA ALA A 108 -0.64 7.12 -13.63
C ALA A 108 0.58 6.69 -14.42
N TYR A 109 1.42 7.65 -14.82
CA TYR A 109 2.54 7.32 -15.69
C TYR A 109 3.54 6.43 -14.97
N ARG A 110 4.00 6.83 -13.79
CA ARG A 110 4.98 5.97 -13.12
C ARG A 110 4.43 4.57 -12.86
N GLU A 111 3.15 4.45 -12.47
CA GLU A 111 2.64 3.13 -12.15
C GLU A 111 2.49 2.30 -13.42
N LEU A 112 2.15 2.92 -14.54
CA LEU A 112 2.20 2.19 -15.81
C LEU A 112 3.62 1.69 -16.10
N VAL A 113 4.61 2.56 -15.98
CA VAL A 113 6.00 2.17 -16.25
C VAL A 113 6.47 1.10 -15.26
N LEU A 114 6.36 1.39 -13.95
CA LEU A 114 6.94 0.49 -12.96
C LEU A 114 6.36 -0.91 -13.02
N MET A 115 5.20 -1.10 -13.64
CA MET A 115 4.67 -2.46 -13.80
C MET A 115 5.71 -3.38 -14.44
N LYS A 116 6.29 -2.92 -15.56
CA LYS A 116 7.26 -3.70 -16.33
C LYS A 116 8.58 -3.90 -15.61
N CYS A 117 8.84 -3.18 -14.52
CA CYS A 117 10.05 -3.38 -13.73
C CYS A 117 9.87 -4.37 -12.58
N VAL A 118 8.69 -4.95 -12.41
CA VAL A 118 8.43 -5.87 -11.31
C VAL A 118 7.70 -7.08 -11.82
N ASN A 119 8.00 -8.24 -11.25
CA ASN A 119 7.32 -9.50 -11.56
C ASN A 119 7.38 -10.34 -10.29
N HIS A 120 6.35 -10.23 -9.47
CA HIS A 120 6.31 -10.90 -8.18
C HIS A 120 4.87 -11.20 -7.82
N LYS A 121 4.60 -12.39 -7.26
CA LYS A 121 3.21 -12.81 -7.08
C LYS A 121 2.52 -11.98 -6.02
N ASN A 122 3.27 -11.27 -5.21
CA ASN A 122 2.68 -10.42 -4.18
C ASN A 122 2.58 -8.99 -4.66
N ILE A 123 2.83 -8.73 -5.94
CA ILE A 123 2.82 -7.38 -6.50
C ILE A 123 1.92 -7.42 -7.71
N ILE A 124 1.08 -6.39 -7.86
CA ILE A 124 0.15 -6.36 -8.98
C ILE A 124 0.87 -6.61 -10.29
N SER A 125 0.26 -7.42 -11.13
CA SER A 125 0.66 -7.56 -12.53
C SER A 125 -0.57 -7.41 -13.42
N LEU A 126 -0.40 -6.66 -14.51
CA LEU A 126 -1.52 -6.35 -15.38
C LEU A 126 -1.69 -7.45 -16.43
N LEU A 127 -2.94 -7.79 -16.69
CA LEU A 127 -3.28 -8.67 -17.79
C LEU A 127 -3.49 -7.90 -19.08
N ASN A 128 -3.80 -6.60 -18.98
CA ASN A 128 -4.19 -5.84 -20.17
C ASN A 128 -4.29 -4.37 -19.80
N VAL A 129 -4.05 -3.53 -20.80
CA VAL A 129 -4.10 -2.08 -20.68
C VAL A 129 -4.66 -1.62 -22.02
N PHE A 130 -5.67 -0.75 -22.02
CA PHE A 130 -6.18 -0.30 -23.31
C PHE A 130 -6.85 1.06 -23.15
N THR A 131 -7.03 1.76 -24.28
CA THR A 131 -7.90 2.91 -24.28
C THR A 131 -8.90 2.69 -25.41
N PRO A 132 -10.18 3.05 -25.25
CA PRO A 132 -11.08 2.95 -26.41
C PRO A 132 -10.87 4.04 -27.40
N GLN A 133 -10.20 5.14 -27.02
CA GLN A 133 -9.98 6.23 -27.96
C GLN A 133 -8.92 5.87 -28.99
N LYS A 134 -9.11 6.37 -30.24
CA LYS A 134 -8.37 5.89 -31.39
C LYS A 134 -7.12 6.69 -31.70
N THR A 135 -6.98 7.91 -31.16
CA THR A 135 -5.86 8.77 -31.50
C THR A 135 -5.46 9.59 -30.27
N LEU A 136 -4.27 10.16 -30.33
CA LEU A 136 -3.80 11.03 -29.25
C LEU A 136 -4.76 12.20 -29.05
N GLU A 137 -5.19 12.85 -30.13
CA GLU A 137 -6.07 13.99 -29.96
C GLU A 137 -7.37 13.60 -29.28
N GLU A 138 -7.83 12.36 -29.47
CA GLU A 138 -9.08 11.95 -28.87
C GLU A 138 -8.90 11.27 -27.51
N PHE A 139 -7.67 10.87 -27.18
CA PHE A 139 -7.37 10.12 -25.95
C PHE A 139 -7.95 10.79 -24.70
N GLN A 140 -8.58 9.95 -23.84
CA GLN A 140 -9.22 10.45 -22.63
C GLN A 140 -8.93 9.53 -21.45
N ASP A 141 -9.21 8.24 -21.62
CA ASP A 141 -9.25 7.25 -20.53
C ASP A 141 -8.32 6.07 -20.78
N VAL A 142 -7.78 5.54 -19.68
CA VAL A 142 -6.94 4.34 -19.61
C VAL A 142 -7.73 3.31 -18.80
N TYR A 143 -7.77 2.07 -19.30
CA TYR A 143 -8.37 0.94 -18.58
C TYR A 143 -7.26 -0.07 -18.24
N LEU A 144 -7.22 -0.52 -16.98
CA LEU A 144 -6.22 -1.46 -16.49
C LEU A 144 -6.97 -2.69 -16.00
N VAL A 145 -6.46 -3.88 -16.37
CA VAL A 145 -7.10 -5.16 -16.12
C VAL A 145 -6.13 -6.05 -15.37
N MET A 146 -6.62 -6.67 -14.30
CA MET A 146 -5.83 -7.62 -13.54
C MET A 146 -6.73 -8.76 -13.09
N GLU A 147 -6.10 -9.83 -12.62
CA GLU A 147 -6.80 -10.88 -11.87
C GLU A 147 -7.78 -10.30 -10.86
N LEU A 148 -8.97 -10.88 -10.82
CA LEU A 148 -9.97 -10.48 -9.85
C LEU A 148 -9.72 -11.15 -8.52
N MET A 149 -9.70 -10.37 -7.44
CA MET A 149 -9.46 -10.94 -6.11
C MET A 149 -10.78 -11.12 -5.34
N ASP A 150 -10.70 -11.35 -4.02
CA ASP A 150 -11.89 -11.62 -3.23
C ASP A 150 -12.19 -10.56 -2.20
N ALA A 151 -11.20 -9.79 -1.78
CA ALA A 151 -11.47 -8.80 -0.76
C ALA A 151 -10.30 -7.84 -0.66
N ASN A 152 -10.61 -6.67 -0.15
CA ASN A 152 -9.61 -5.68 0.22
C ASN A 152 -9.07 -5.93 1.64
N LEU A 153 -7.81 -5.59 1.85
CA LEU A 153 -7.22 -5.93 3.15
C LEU A 153 -7.93 -5.23 4.30
N CYS A 154 -8.56 -4.08 4.03
CA CYS A 154 -9.32 -3.43 5.09
C CYS A 154 -10.37 -4.38 5.61
N GLN A 155 -11.10 -5.06 4.70
CA GLN A 155 -12.15 -5.97 5.14
C GLN A 155 -11.57 -7.10 5.98
N VAL A 156 -10.43 -7.63 5.56
CA VAL A 156 -9.79 -8.74 6.25
C VAL A 156 -9.37 -8.34 7.68
N ILE A 157 -8.86 -7.11 7.84
CA ILE A 157 -8.43 -6.63 9.14
C ILE A 157 -9.52 -6.62 10.17
N GLN A 158 -10.79 -6.57 9.75
CA GLN A 158 -11.90 -6.52 10.66
C GLN A 158 -12.27 -7.89 11.22
N MET A 159 -11.72 -8.93 10.64
CA MET A 159 -12.00 -10.31 11.06
C MET A 159 -10.97 -10.82 12.07
N GLU A 160 -11.41 -11.74 12.94
CA GLU A 160 -10.48 -12.47 13.78
C GLU A 160 -9.72 -13.46 12.90
N LEU A 161 -8.41 -13.43 12.93
CA LEU A 161 -7.63 -14.36 12.15
C LEU A 161 -6.64 -15.12 13.00
N ASP A 162 -6.56 -16.44 12.76
CA ASP A 162 -5.58 -17.23 13.49
C ASP A 162 -4.18 -16.73 13.11
N HIS A 163 -3.17 -17.22 13.85
CA HIS A 163 -1.80 -16.82 13.60
C HIS A 163 -1.30 -17.36 12.28
N GLU A 164 -1.83 -18.51 11.82
CA GLU A 164 -1.42 -19.01 10.51
C GLU A 164 -1.73 -17.99 9.42
N ARG A 165 -2.95 -17.47 9.46
CA ARG A 165 -3.50 -16.52 8.47
C ARG A 165 -2.76 -15.19 8.61
N MET A 166 -2.67 -14.61 9.81
CA MET A 166 -2.03 -13.32 10.06
C MET A 166 -0.58 -13.40 9.58
N SER A 167 0.12 -14.48 9.97
CA SER A 167 1.57 -14.51 9.72
C SER A 167 1.85 -14.71 8.24
N TYR A 168 0.95 -15.39 7.54
CA TYR A 168 1.13 -15.58 6.10
C TYR A 168 0.86 -14.29 5.36
N LEU A 169 -0.14 -13.54 5.81
CA LEU A 169 -0.40 -12.24 5.19
C LEU A 169 0.82 -11.34 5.37
N LEU A 170 1.38 -11.33 6.59
CA LEU A 170 2.53 -10.47 6.82
C LEU A 170 3.72 -10.95 6.01
N TYR A 171 3.95 -12.27 5.97
CA TYR A 171 5.07 -12.80 5.18
C TYR A 171 4.96 -12.30 3.74
N GLN A 172 3.75 -12.31 3.21
CA GLN A 172 3.56 -11.89 1.81
C GLN A 172 3.80 -10.40 1.65
N MET A 173 3.28 -9.61 2.57
CA MET A 173 3.50 -8.15 2.54
C MET A 173 5.01 -7.89 2.55
N LEU A 174 5.81 -8.61 3.36
CA LEU A 174 7.25 -8.47 3.45
C LEU A 174 7.95 -8.97 2.20
N CYS A 175 7.48 -10.06 1.60
CA CYS A 175 8.07 -10.46 0.32
C CYS A 175 7.88 -9.35 -0.71
N GLY A 176 6.63 -8.89 -0.87
CA GLY A 176 6.38 -7.83 -1.86
C GLY A 176 7.30 -6.65 -1.66
N ILE A 177 7.34 -6.12 -0.44
CA ILE A 177 8.16 -4.96 -0.16
C ILE A 177 9.62 -5.25 -0.45
N LYS A 178 10.10 -6.46 -0.11
CA LYS A 178 11.47 -6.81 -0.42
C LYS A 178 11.71 -6.82 -1.92
N HIS A 179 10.75 -7.31 -2.67
CA HIS A 179 10.90 -7.31 -4.12
C HIS A 179 10.91 -5.88 -4.68
N LEU A 180 10.03 -5.03 -4.15
CA LEU A 180 10.07 -3.62 -4.56
C LEU A 180 11.43 -3.01 -4.22
N HIS A 181 11.95 -3.30 -3.03
CA HIS A 181 13.25 -2.77 -2.65
C HIS A 181 14.35 -3.30 -3.55
N SER A 182 14.29 -4.58 -3.92
CA SER A 182 15.28 -5.11 -4.84
C SER A 182 15.33 -4.32 -6.14
N ALA A 183 14.17 -3.93 -6.67
CA ALA A 183 14.11 -3.17 -7.91
C ALA A 183 14.25 -1.67 -7.70
N GLY A 184 14.82 -1.23 -6.58
CA GLY A 184 15.03 0.17 -6.32
C GLY A 184 13.78 0.98 -6.11
N ILE A 185 12.76 0.40 -5.49
CA ILE A 185 11.48 1.06 -5.28
C ILE A 185 11.20 1.01 -3.80
N ILE A 186 11.07 2.18 -3.18
CA ILE A 186 10.72 2.30 -1.75
C ILE A 186 9.35 2.96 -1.68
N HIS A 187 8.38 2.22 -1.16
CA HIS A 187 6.98 2.60 -1.30
C HIS A 187 6.67 3.88 -0.56
N ARG A 188 6.81 3.85 0.75
CA ARG A 188 6.62 4.94 1.67
C ARG A 188 5.17 5.24 1.92
N ASP A 189 4.22 4.58 1.24
CA ASP A 189 2.83 4.89 1.50
C ASP A 189 2.00 3.62 1.47
N LEU A 190 2.51 2.53 2.06
CA LEU A 190 1.77 1.27 2.11
C LEU A 190 0.60 1.41 3.06
N LYS A 191 -0.57 0.95 2.64
CA LYS A 191 -1.77 1.04 3.45
C LYS A 191 -2.71 -0.07 3.00
N PRO A 192 -3.65 -0.48 3.85
CA PRO A 192 -4.44 -1.68 3.51
C PRO A 192 -5.41 -1.47 2.38
N SER A 193 -5.90 -0.24 2.15
CA SER A 193 -6.87 -0.02 1.08
C SER A 193 -6.28 -0.34 -0.29
N ASN A 194 -4.95 -0.43 -0.41
CA ASN A 194 -4.26 -0.74 -1.67
C ASN A 194 -3.66 -2.14 -1.68
N ILE A 195 -4.16 -3.01 -0.82
CA ILE A 195 -3.78 -4.40 -0.75
C ILE A 195 -5.05 -5.23 -0.86
N VAL A 196 -5.00 -6.27 -1.70
CA VAL A 196 -6.15 -7.13 -1.96
C VAL A 196 -5.75 -8.56 -1.68
N VAL A 197 -6.74 -9.37 -1.30
CA VAL A 197 -6.55 -10.74 -0.85
C VAL A 197 -7.55 -11.65 -1.57
N LYS A 198 -7.12 -12.88 -1.77
CA LYS A 198 -8.02 -13.94 -2.23
C LYS A 198 -8.36 -14.88 -1.08
N SER A 199 -9.48 -15.63 -1.25
CA SER A 199 -9.97 -16.52 -0.20
C SER A 199 -8.92 -17.48 0.30
N ASP A 200 -7.94 -17.85 -0.52
CA ASP A 200 -6.84 -18.79 -0.19
C ASP A 200 -5.76 -18.09 0.62
N CYS A 201 -5.99 -16.86 1.07
CA CYS A 201 -5.09 -16.08 1.93
C CYS A 201 -3.98 -15.44 1.12
N THR A 202 -3.95 -15.51 -0.20
CA THR A 202 -2.86 -14.96 -1.04
C THR A 202 -3.11 -13.46 -1.20
N LEU A 203 -2.10 -12.63 -1.35
CA LEU A 203 -2.18 -11.19 -1.17
C LEU A 203 -1.45 -10.49 -2.30
N LYS A 204 -1.94 -9.31 -2.67
CA LYS A 204 -1.23 -8.52 -3.67
C LYS A 204 -1.28 -7.04 -3.30
N ILE A 205 -0.15 -6.37 -3.48
CA ILE A 205 -0.03 -4.93 -3.24
C ILE A 205 -0.29 -4.24 -4.56
N LEU A 206 -1.17 -3.23 -4.58
CA LEU A 206 -1.66 -2.71 -5.90
C LEU A 206 -0.99 -1.42 -6.32
N ASP A 207 -0.15 -0.78 -5.50
CA ASP A 207 0.36 0.53 -5.87
C ASP A 207 1.84 0.61 -5.54
N PHE A 208 2.47 1.71 -5.97
CA PHE A 208 3.91 1.83 -5.86
C PHE A 208 4.34 3.06 -5.07
N GLY A 209 3.45 3.72 -4.36
CA GLY A 209 3.88 4.63 -3.27
C GLY A 209 4.08 6.05 -3.78
N LEU A 210 4.92 6.77 -3.04
CA LEU A 210 5.14 8.19 -3.30
C LEU A 210 6.26 8.46 -4.32
N ALA A 211 6.24 9.65 -4.93
CA ALA A 211 7.16 9.92 -6.05
C ALA A 211 8.54 10.28 -5.51
N SER A 217 2.38 18.62 -3.87
CA SER A 217 1.11 18.02 -4.27
C SER A 217 -0.08 18.96 -4.10
N PHE A 218 -1.28 18.45 -4.41
CA PHE A 218 -2.53 19.20 -4.24
C PHE A 218 -3.68 18.44 -4.89
N MET A 219 -4.78 18.27 -4.15
CA MET A 219 -5.92 17.52 -4.64
C MET A 219 -7.16 18.40 -4.65
N MET A 220 -7.74 18.56 -5.82
CA MET A 220 -8.83 19.47 -6.07
C MET A 220 -10.20 18.77 -5.99
N THR A 221 -10.24 17.57 -5.41
CA THR A 221 -11.39 16.69 -5.47
C THR A 221 -11.94 16.43 -4.07
N PRO A 222 -13.11 15.79 -3.96
CA PRO A 222 -13.61 15.45 -2.61
C PRO A 222 -12.73 14.46 -1.86
N VAL A 224 -9.83 12.09 -0.16
CA VAL A 224 -8.79 12.43 0.80
C VAL A 224 -7.77 11.29 0.81
N VAL A 225 -6.57 11.62 1.26
CA VAL A 225 -5.48 10.64 1.33
C VAL A 225 -5.39 10.09 2.75
N THR A 226 -5.11 8.80 2.85
CA THR A 226 -4.95 8.14 4.14
C THR A 226 -3.47 8.17 4.52
N ARG A 227 -3.18 8.82 5.64
CA ARG A 227 -1.83 9.07 6.10
C ARG A 227 -1.44 8.27 7.34
N TYR A 228 -2.35 7.48 7.89
CA TYR A 228 -2.12 6.83 9.19
C TYR A 228 -1.05 5.74 9.18
N TYR A 229 -0.66 5.21 8.01
CA TYR A 229 0.31 4.11 7.93
C TYR A 229 1.72 4.61 7.54
N ARG A 230 1.91 5.92 7.47
CA ARG A 230 3.19 6.52 7.09
C ARG A 230 4.16 6.56 8.25
N ALA A 231 5.43 6.28 7.93
CA ALA A 231 6.51 6.23 8.89
C ALA A 231 6.80 7.61 9.45
N PRO A 232 7.45 7.67 10.63
CA PRO A 232 7.84 8.99 11.16
C PRO A 232 8.70 9.78 10.18
N GLU A 233 9.59 9.12 9.43
CA GLU A 233 10.39 9.79 8.41
C GLU A 233 9.53 10.57 7.43
N VAL A 234 8.39 10.00 7.08
CA VAL A 234 7.48 10.64 6.16
C VAL A 234 6.70 11.73 6.87
N ILE A 235 6.21 11.42 8.08
CA ILE A 235 5.47 12.43 8.85
C ILE A 235 6.33 13.69 9.00
N LEU A 236 7.61 13.50 9.31
CA LEU A 236 8.45 14.61 9.74
C LEU A 236 9.46 15.07 8.69
N GLY A 237 9.40 14.50 7.49
CA GLY A 237 10.25 14.93 6.40
C GLY A 237 11.73 14.65 6.56
N MET A 238 12.09 13.47 7.07
CA MET A 238 13.48 13.09 7.24
C MET A 238 13.97 12.32 6.01
N GLY A 239 15.26 12.04 5.98
CA GLY A 239 15.74 11.01 5.07
C GLY A 239 15.19 9.65 5.44
N TYR A 240 15.07 8.78 4.44
CA TYR A 240 14.52 7.45 4.65
C TYR A 240 15.38 6.42 3.95
N LYS A 241 15.15 5.16 4.33
CA LYS A 241 15.74 4.01 3.67
C LYS A 241 14.67 2.93 3.62
N GLU A 242 15.08 1.72 3.27
CA GLU A 242 14.13 0.65 2.99
C GLU A 242 13.15 0.40 4.15
N ASN A 243 13.62 0.49 5.41
CA ASN A 243 12.81 0.09 6.56
C ASN A 243 11.78 1.14 6.90
N VAL A 244 11.67 2.20 6.10
CA VAL A 244 10.49 3.06 6.17
C VAL A 244 9.21 2.24 5.95
N ASP A 245 9.28 1.21 5.13
CA ASP A 245 8.07 0.43 4.80
C ASP A 245 7.70 -0.57 5.91
N ILE A 246 8.65 -0.86 6.83
CA ILE A 246 8.36 -1.76 7.95
C ILE A 246 7.40 -1.10 8.93
N TRP A 247 7.55 0.21 9.13
CA TRP A 247 6.60 0.88 10.01
C TRP A 247 5.17 0.65 9.54
N SER A 248 4.96 0.77 8.24
CA SER A 248 3.61 0.59 7.72
C SER A 248 3.12 -0.82 7.99
N VAL A 249 3.94 -1.82 7.70
CA VAL A 249 3.57 -3.19 8.02
C VAL A 249 3.19 -3.32 9.49
N GLY A 250 3.97 -2.69 10.37
CA GLY A 250 3.66 -2.78 11.79
C GLY A 250 2.35 -2.09 12.12
N CYS A 251 2.02 -1.02 11.39
CA CYS A 251 0.77 -0.33 11.63
C CYS A 251 -0.39 -1.23 11.20
N ILE A 252 -0.21 -2.01 10.13
CA ILE A 252 -1.21 -2.98 9.67
C ILE A 252 -1.34 -4.13 10.65
N MET A 253 -0.21 -4.78 10.95
CA MET A 253 -0.17 -5.84 11.96
C MET A 253 -0.87 -5.44 13.26
N GLY A 254 -0.54 -4.29 13.83
CA GLY A 254 -1.20 -3.85 15.04
C GLY A 254 -2.69 -3.64 14.89
N GLU A 255 -3.13 -3.07 13.77
CA GLU A 255 -4.57 -2.91 13.54
C GLU A 255 -5.25 -4.27 13.41
N MET A 256 -4.57 -5.26 12.84
CA MET A 256 -5.12 -6.64 12.75
C MET A 256 -5.44 -7.13 14.16
N VAL A 257 -4.63 -6.75 15.16
CA VAL A 257 -4.83 -7.22 16.54
C VAL A 257 -5.88 -6.39 17.28
N ARG A 258 -5.69 -5.07 17.28
CA ARG A 258 -6.50 -4.15 18.04
C ARG A 258 -7.82 -3.86 17.39
N HIS A 259 -7.92 -4.05 16.06
CA HIS A 259 -9.09 -3.69 15.27
C HIS A 259 -9.43 -2.22 15.37
N LYS A 260 -8.41 -1.38 15.56
CA LYS A 260 -8.51 0.08 15.51
C LYS A 260 -7.23 0.63 14.90
N ILE A 261 -7.37 1.71 14.09
CA ILE A 261 -6.21 2.39 13.51
C ILE A 261 -5.30 2.78 14.67
N LEU A 262 -4.02 2.43 14.57
CA LEU A 262 -3.10 2.75 15.65
C LEU A 262 -2.88 4.26 15.80
N PHE A 263 -2.70 4.99 14.70
CA PHE A 263 -2.32 6.40 14.80
C PHE A 263 -3.23 7.27 13.95
N PRO A 264 -4.46 7.48 14.39
CA PRO A 264 -5.39 8.32 13.64
C PRO A 264 -5.01 9.79 13.80
N GLY A 265 -5.79 10.64 13.16
CA GLY A 265 -5.63 12.08 13.34
C GLY A 265 -6.06 12.84 12.12
N ARG A 266 -6.50 14.10 12.34
CA ARG A 266 -6.88 14.94 11.22
C ARG A 266 -5.72 15.16 10.27
N ASP A 267 -4.55 15.41 10.82
CA ASP A 267 -3.34 15.88 10.08
C ASP A 267 -2.17 15.19 10.76
N TYR A 268 -0.96 15.39 10.27
CA TYR A 268 0.23 14.86 10.91
C TYR A 268 0.36 15.32 12.38
N ILE A 269 -0.27 16.44 12.76
CA ILE A 269 -0.15 16.96 14.14
C ILE A 269 -0.75 15.97 15.12
N ASP A 270 -2.06 15.72 15.01
CA ASP A 270 -2.72 14.65 15.77
C ASP A 270 -1.98 13.34 15.64
N GLN A 271 -1.67 12.95 14.39
CA GLN A 271 -1.05 11.64 14.17
C GLN A 271 0.22 11.47 15.01
N TRP A 272 1.07 12.49 15.00
CA TRP A 272 2.30 12.40 15.78
C TRP A 272 1.98 12.29 17.26
N ASN A 273 1.03 13.09 17.74
CA ASN A 273 0.58 12.95 19.13
C ASN A 273 0.27 11.48 19.45
N LYS A 274 -0.55 10.84 18.63
CA LYS A 274 -0.89 9.44 18.87
C LYS A 274 0.32 8.52 18.89
N VAL A 275 1.28 8.75 18.00
CA VAL A 275 2.50 7.96 18.01
C VAL A 275 3.28 8.17 19.31
N ILE A 276 3.47 9.42 19.73
CA ILE A 276 4.32 9.65 20.92
C ILE A 276 3.60 9.16 22.19
N GLU A 277 2.32 9.51 22.33
CA GLU A 277 1.58 9.08 23.50
C GLU A 277 1.70 7.59 23.74
N GLN A 278 1.80 6.81 22.67
CA GLN A 278 1.77 5.36 22.79
C GLN A 278 3.15 4.73 22.91
N LEU A 279 4.08 5.18 22.09
CA LEU A 279 5.41 4.60 22.09
C LEU A 279 6.43 5.43 22.89
N GLY A 280 6.08 6.62 23.35
CA GLY A 280 6.99 7.51 24.04
C GLY A 280 7.76 8.45 23.13
N THR A 281 8.36 9.49 23.73
CA THR A 281 9.20 10.42 22.97
C THR A 281 10.49 9.74 22.56
N PRO A 282 10.94 9.92 21.30
CA PRO A 282 12.17 9.24 20.87
C PRO A 282 13.40 9.88 21.52
N CYS A 283 14.54 9.21 21.34
CA CYS A 283 15.78 9.58 22.03
C CYS A 283 16.42 10.78 21.35
N PRO A 284 17.39 11.42 22.01
CA PRO A 284 18.08 12.55 21.36
C PRO A 284 18.80 12.15 20.08
N GLU A 285 19.34 10.93 20.01
CA GLU A 285 19.99 10.48 18.77
C GLU A 285 19.02 10.57 17.59
N PHE A 286 17.72 10.39 17.84
CA PHE A 286 16.71 10.56 16.79
C PHE A 286 16.52 12.05 16.45
N MET A 287 16.41 12.90 17.46
CA MET A 287 16.23 14.33 17.23
C MET A 287 17.32 14.90 16.33
N LYS A 288 18.56 14.42 16.46
CA LYS A 288 19.67 14.99 15.70
C LYS A 288 19.51 14.76 14.19
N LYS A 289 18.68 13.79 13.81
CA LYS A 289 18.42 13.51 12.41
C LYS A 289 17.35 14.43 11.83
N LEU A 290 16.73 15.26 12.66
CA LEU A 290 15.64 16.12 12.23
C LEU A 290 16.16 17.48 11.79
N GLN A 291 15.47 18.07 10.81
CA GLN A 291 15.73 19.45 10.45
C GLN A 291 15.53 20.33 11.68
N PRO A 292 16.27 21.44 11.79
CA PRO A 292 16.21 22.23 13.02
C PRO A 292 14.82 22.78 13.30
N THR A 293 14.05 23.11 12.27
CA THR A 293 12.71 23.61 12.52
C THR A 293 11.79 22.51 13.04
N VAL A 294 11.71 21.38 12.35
CA VAL A 294 10.89 20.28 12.87
C VAL A 294 11.45 19.76 14.19
N ARG A 295 12.79 19.82 14.39
CA ARG A 295 13.37 19.50 15.69
C ARG A 295 12.75 20.32 16.82
N ASN A 296 12.74 21.65 16.66
CA ASN A 296 12.11 22.49 17.68
C ASN A 296 10.70 22.06 17.97
N TYR A 297 9.92 21.81 16.91
CA TYR A 297 8.55 21.37 17.07
C TYR A 297 8.50 20.12 17.90
N VAL A 298 9.30 19.09 17.53
CA VAL A 298 9.19 17.79 18.17
C VAL A 298 9.63 17.86 19.63
N GLU A 299 10.74 18.56 19.89
CA GLU A 299 11.27 18.60 21.26
C GLU A 299 10.31 19.33 22.18
N ASN A 300 9.50 20.24 21.67
CA ASN A 300 8.67 21.06 22.53
C ASN A 300 7.28 20.51 22.68
N ARG A 301 7.00 19.33 22.13
CA ARG A 301 5.75 18.69 22.46
C ARG A 301 5.83 18.06 23.86
N PRO A 302 4.70 17.98 24.56
CA PRO A 302 4.70 17.32 25.88
C PRO A 302 5.36 15.95 25.79
N LYS A 303 6.26 15.67 26.73
CA LYS A 303 6.91 14.37 26.74
C LYS A 303 5.95 13.26 27.14
N TYR A 304 6.35 12.03 26.83
CA TYR A 304 5.54 10.86 27.11
C TYR A 304 6.47 9.68 27.34
N ALA A 305 6.21 8.92 28.41
CA ALA A 305 7.09 7.80 28.74
C ALA A 305 6.93 6.65 27.75
N GLY A 306 5.72 6.42 27.27
CA GLY A 306 5.50 5.41 26.28
C GLY A 306 5.14 4.09 26.92
N LEU A 307 3.97 3.55 26.58
CA LEU A 307 3.50 2.34 27.23
C LEU A 307 4.23 1.11 26.68
N THR A 308 4.39 0.08 27.51
CA THR A 308 5.07 -1.09 26.99
C THR A 308 4.11 -1.84 26.02
N PHE A 309 4.67 -2.76 25.28
CA PHE A 309 3.89 -3.42 24.22
C PHE A 309 2.90 -4.42 24.76
N PRO A 310 3.18 -5.07 25.90
CA PRO A 310 2.14 -5.86 26.54
C PRO A 310 0.91 -5.04 26.89
N LYS A 311 1.08 -3.80 27.32
CA LYS A 311 -0.09 -2.95 27.53
C LYS A 311 -0.73 -2.50 26.23
N LEU A 312 0.09 -2.23 25.22
CA LEU A 312 -0.45 -1.79 23.95
C LEU A 312 -1.16 -2.89 23.21
N PHE A 313 -0.70 -4.14 23.37
CA PHE A 313 -1.28 -5.31 22.71
C PHE A 313 -1.40 -6.45 23.72
N PRO A 314 -2.32 -6.35 24.67
CA PRO A 314 -2.38 -7.34 25.75
C PRO A 314 -2.84 -8.70 25.27
N ASP A 315 -2.51 -9.73 26.05
CA ASP A 315 -2.78 -11.09 25.62
C ASP A 315 -4.25 -11.32 25.30
N SER A 316 -5.16 -10.52 25.86
CA SER A 316 -6.57 -10.64 25.52
C SER A 316 -6.84 -10.50 24.02
N LEU A 317 -6.04 -9.71 23.31
CA LEU A 317 -6.26 -9.56 21.88
C LEU A 317 -5.74 -10.77 21.08
N PHE A 318 -5.01 -11.69 21.74
CA PHE A 318 -4.46 -12.83 21.02
C PHE A 318 -5.14 -14.12 21.48
N PRO A 319 -5.15 -15.15 20.65
CA PRO A 319 -5.73 -16.42 21.09
C PRO A 319 -4.95 -17.03 22.25
N ASP A 321 -5.76 -20.41 23.94
CA ASP A 321 -6.36 -21.70 24.21
C ASP A 321 -5.37 -22.84 24.20
N SER A 322 -4.17 -22.63 23.64
CA SER A 322 -3.19 -23.70 23.50
C SER A 322 -1.80 -23.13 23.74
N GLU A 323 -0.87 -24.00 24.10
CA GLU A 323 0.52 -23.57 24.19
C GLU A 323 0.99 -22.99 22.84
N HIS A 324 0.60 -23.63 21.76
CA HIS A 324 1.00 -23.12 20.47
C HIS A 324 0.58 -21.69 20.30
N ASN A 325 -0.68 -21.37 20.62
CA ASN A 325 -1.14 -19.98 20.45
C ASN A 325 -0.53 -19.06 21.49
N LYS A 326 -0.21 -19.57 22.68
CA LYS A 326 0.47 -18.73 23.64
C LYS A 326 1.84 -18.34 23.13
N LEU A 327 2.56 -19.30 22.54
CA LEU A 327 3.90 -18.98 22.06
C LEU A 327 3.82 -18.02 20.88
N LYS A 328 2.87 -18.27 19.96
CA LYS A 328 2.73 -17.39 18.80
C LYS A 328 2.35 -15.97 19.21
N ALA A 329 1.54 -15.81 20.24
CA ALA A 329 1.19 -14.48 20.69
C ALA A 329 2.43 -13.70 21.17
N SER A 330 3.30 -14.34 21.93
CA SER A 330 4.50 -13.63 22.40
C SER A 330 5.43 -13.29 21.24
N GLN A 331 5.50 -14.18 20.24
CA GLN A 331 6.31 -13.90 19.05
C GLN A 331 5.71 -12.76 18.23
N ALA A 332 4.38 -12.73 18.08
CA ALA A 332 3.72 -11.59 17.42
C ALA A 332 4.00 -10.26 18.12
N ARG A 333 3.82 -10.24 19.45
CA ARG A 333 4.09 -9.01 20.19
C ARG A 333 5.54 -8.61 19.98
N ASP A 334 6.44 -9.59 19.98
CA ASP A 334 7.84 -9.27 19.80
C ASP A 334 8.07 -8.59 18.46
N LEU A 335 7.59 -9.22 17.38
CA LEU A 335 7.76 -8.61 16.05
C LEU A 335 7.21 -7.19 16.03
N LEU A 336 6.01 -6.99 16.56
CA LEU A 336 5.42 -5.68 16.66
C LEU A 336 6.41 -4.70 17.25
N SER A 337 6.92 -5.04 18.45
CA SER A 337 7.79 -4.14 19.17
C SER A 337 9.05 -3.80 18.38
N LYS A 338 9.42 -4.62 17.38
CA LYS A 338 10.58 -4.33 16.52
C LYS A 338 10.20 -3.53 15.28
N MET A 339 8.92 -3.56 14.89
CA MET A 339 8.44 -2.84 13.71
C MET A 339 7.94 -1.46 14.09
N LEU A 340 7.22 -1.33 15.21
CA LEU A 340 6.71 -0.01 15.59
C LEU A 340 7.72 0.70 16.47
N VAL A 341 8.83 1.07 15.83
CA VAL A 341 9.97 1.70 16.49
C VAL A 341 10.20 3.01 15.76
N ILE A 342 10.07 4.12 16.48
CA ILE A 342 10.10 5.45 15.85
C ILE A 342 11.42 5.71 15.13
N ASP A 343 12.52 5.42 15.80
CA ASP A 343 13.84 5.63 15.22
C ASP A 343 14.12 4.57 14.15
N PRO A 344 14.27 4.94 12.89
CA PRO A 344 14.67 3.93 11.90
C PRO A 344 16.02 3.28 12.17
N ALA A 345 16.89 3.90 12.98
CA ALA A 345 18.17 3.27 13.28
C ALA A 345 18.00 1.99 14.09
N LYS A 346 16.94 1.92 14.91
CA LYS A 346 16.69 0.78 15.76
C LYS A 346 15.47 0.00 15.29
N ARG A 347 14.93 0.30 14.12
CA ARG A 347 13.78 -0.41 13.59
C ARG A 347 14.24 -1.59 12.76
N ILE A 348 13.56 -2.72 12.93
CA ILE A 348 13.99 -3.94 12.27
C ILE A 348 13.96 -3.74 10.76
N SER A 349 14.76 -4.56 10.06
CA SER A 349 14.87 -4.46 8.61
C SER A 349 13.91 -5.44 7.94
N VAL A 350 13.75 -5.29 6.62
CA VAL A 350 12.92 -6.26 5.91
C VAL A 350 13.50 -7.67 6.03
N ASP A 351 14.81 -7.80 5.85
CA ASP A 351 15.42 -9.12 5.86
C ASP A 351 15.33 -9.76 7.24
N ASP A 352 15.70 -9.02 8.29
CA ASP A 352 15.63 -9.58 9.64
C ASP A 352 14.19 -9.90 10.02
N ALA A 353 13.23 -9.05 9.59
CA ALA A 353 11.82 -9.36 9.85
C ALA A 353 11.40 -10.66 9.16
N LEU A 354 11.83 -10.87 7.92
CA LEU A 354 11.45 -12.06 7.19
C LEU A 354 11.91 -13.33 7.90
N GLN A 355 12.92 -13.22 8.75
CA GLN A 355 13.45 -14.37 9.49
C GLN A 355 13.08 -14.35 10.96
N HIS A 356 12.23 -13.42 11.39
CA HIS A 356 11.62 -13.52 12.71
C HIS A 356 10.87 -14.85 12.83
N PRO A 357 10.91 -15.49 13.99
CA PRO A 357 10.19 -16.78 14.12
C PRO A 357 8.71 -16.70 13.78
N TYR A 358 8.08 -15.53 13.95
CA TYR A 358 6.66 -15.41 13.64
C TYR A 358 6.41 -15.56 12.16
N ILE A 359 7.40 -15.13 11.36
CA ILE A 359 7.27 -15.06 9.93
C ILE A 359 8.01 -16.17 9.20
N ASN A 360 9.11 -16.67 9.74
CA ASN A 360 9.98 -17.53 8.96
C ASN A 360 9.37 -18.90 8.73
N VAL A 361 8.20 -19.20 9.30
CA VAL A 361 7.60 -20.50 9.06
C VAL A 361 7.14 -20.63 7.62
N TRP A 362 6.91 -19.51 6.91
CA TRP A 362 6.55 -19.58 5.49
C TRP A 362 7.76 -19.39 4.57
N ASP A 364 10.88 -19.17 2.11
CA ASP A 364 11.19 -19.91 0.90
C ASP A 364 12.13 -19.09 0.02
N PRO A 365 13.33 -19.60 -0.28
CA PRO A 365 14.27 -18.80 -1.11
C PRO A 365 13.70 -18.34 -2.44
N ALA A 366 12.86 -19.16 -3.08
CA ALA A 366 12.28 -18.76 -4.37
C ALA A 366 11.32 -17.59 -4.21
N GLU A 367 10.73 -17.41 -3.02
CA GLU A 367 9.74 -16.36 -2.77
C GLU A 367 10.37 -15.04 -2.31
N GLU A 369 13.65 -14.23 -3.19
CA GLU A 369 14.62 -13.85 -4.22
C GLU A 369 14.40 -14.69 -5.48
N GLN A 379 11.78 4.38 -19.49
CA GLN A 379 10.97 5.54 -19.16
C GLN A 379 11.10 5.85 -17.66
N LEU A 380 12.35 5.97 -17.20
CA LEU A 380 12.62 6.21 -15.79
C LEU A 380 11.84 7.42 -15.28
N ASP A 381 11.59 7.42 -13.97
CA ASP A 381 10.87 8.51 -13.30
C ASP A 381 11.26 9.87 -13.87
N GLU A 382 10.24 10.63 -14.28
CA GLU A 382 10.45 11.91 -14.93
C GLU A 382 10.01 13.08 -14.05
N ARG A 383 10.53 14.27 -14.37
CA ARG A 383 10.24 15.49 -13.66
C ARG A 383 8.90 16.09 -14.08
N GLU A 384 8.62 17.34 -13.71
CA GLU A 384 7.35 18.03 -13.99
C GLU A 384 7.18 18.30 -15.49
N HIS A 385 5.97 18.07 -16.01
CA HIS A 385 5.58 18.32 -17.39
C HIS A 385 4.20 18.96 -17.42
N THR A 386 3.78 19.40 -18.60
CA THR A 386 2.50 20.05 -18.73
C THR A 386 1.41 19.01 -19.02
N ILE A 387 0.17 19.47 -19.16
CA ILE A 387 -0.92 18.56 -19.50
C ILE A 387 -0.64 17.84 -20.82
N GLU A 388 -0.32 18.60 -21.86
CA GLU A 388 -0.13 17.98 -23.17
C GLU A 388 1.02 16.99 -23.17
N GLU A 389 2.14 17.34 -22.55
CA GLU A 389 3.25 16.38 -22.49
C GLU A 389 2.88 15.12 -21.69
N TRP A 390 2.18 15.26 -20.56
CA TRP A 390 1.77 14.07 -19.79
C TRP A 390 0.82 13.20 -20.61
N LYS A 391 -0.13 13.83 -21.30
CA LYS A 391 -1.06 13.10 -22.14
C LYS A 391 -0.30 12.23 -23.14
N GLU A 392 0.71 12.80 -23.80
CA GLU A 392 1.47 12.04 -24.79
C GLU A 392 2.33 10.96 -24.13
N LEU A 393 3.01 11.29 -23.03
CA LEU A 393 3.78 10.25 -22.34
C LEU A 393 2.90 9.07 -21.99
N ILE A 394 1.74 9.34 -21.39
CA ILE A 394 0.84 8.25 -20.97
C ILE A 394 0.30 7.49 -22.18
N TYR A 395 -0.11 8.22 -23.23
CA TYR A 395 -0.65 7.54 -24.41
C TYR A 395 0.39 6.60 -25.01
N LYS A 396 1.63 7.06 -25.14
CA LYS A 396 2.68 6.23 -25.71
C LYS A 396 2.82 4.96 -24.91
N GLU A 397 2.91 5.09 -23.58
CA GLU A 397 3.02 3.93 -22.72
C GLU A 397 1.87 2.96 -22.97
N VAL A 398 0.65 3.48 -23.08
CA VAL A 398 -0.50 2.59 -23.25
C VAL A 398 -0.35 1.79 -24.53
N MET A 399 0.20 2.40 -25.59
CA MET A 399 0.44 1.72 -26.88
C MET A 399 1.94 1.65 -27.12
N ASN A 400 2.54 0.55 -26.68
CA ASN A 400 3.99 0.41 -26.75
C ASN A 400 4.47 0.30 -28.20
#